data_7HOM
#
_entry.id   7HOM
#
_cell.length_a   42.614
_cell.length_b   42.614
_cell.length_c   217.084
_cell.angle_alpha   90.00
_cell.angle_beta   90.00
_cell.angle_gamma   90.00
#
_symmetry.space_group_name_H-M   'P 43 2 2'
#
loop_
_entity.id
_entity.type
_entity.pdbx_description
1 polymer 'Serine protease subunit NS2B'
2 polymer 'Serine protease NS3'
3 non-polymer 'DIMETHYL SULFOXIDE'
4 non-polymer (3R)-3-[1-methyl-4-(trifluoromethyl)-1H-imidazol-2-yl]piperidine
5 water water
#
loop_
_entity_poly.entity_id
_entity_poly.type
_entity_poly.pdbx_seq_one_letter_code
_entity_poly.pdbx_strand_id
1 'polypeptide(L)' SMGKSVDMYIERAGDITWEKDAEVTGNSPRLDVALDESGDFSLVEE A
2 'polypeptide(L)'
;MKEVKKGETTDGVYRVMTRRLLGSTQVGVGVMQEGVFHTMWHVTKGAALRSGEGRLDPYWGDVKQDLVSYCGPWKLDAAW
DGLSEVQLLAVPPGERAKNIQTLPGIFKTKDGDIGAVALDYPAGTSGSPILDKCGRVIGLYGNGVVIKNGSYVSAITQGK
REEETPVE
;
B
#
loop_
_chem_comp.id
_chem_comp.type
_chem_comp.name
_chem_comp.formula
A1BGH non-polymer (3R)-3-[1-methyl-4-(trifluoromethyl)-1H-imidazol-2-yl]piperidine 'C10 H14 F3 N3'
DMS non-polymer 'DIMETHYL SULFOXIDE' 'C2 H6 O S'
#
# COMPACT_ATOMS: atom_id res chain seq x y z
N ASP A 7 6.71 -20.00 0.77
CA ASP A 7 6.16 -19.73 2.10
C ASP A 7 6.59 -18.34 2.61
N MET A 8 5.64 -17.44 2.71
CA MET A 8 5.90 -16.07 3.09
C MET A 8 5.80 -15.80 4.56
N TYR A 9 6.61 -14.86 5.04
CA TYR A 9 6.66 -14.48 6.44
C TYR A 9 6.71 -12.96 6.59
N ILE A 10 6.26 -12.45 7.74
CA ILE A 10 6.26 -11.00 7.97
C ILE A 10 7.30 -10.60 9.06
N GLU A 11 7.87 -9.39 8.93
CA GLU A 11 8.88 -8.87 9.87
C GLU A 11 8.54 -7.41 10.13
N ARG A 12 8.46 -7.00 11.41
CA ARG A 12 8.11 -5.60 11.70
C ARG A 12 9.14 -4.63 11.13
N ALA A 13 8.69 -3.53 10.54
CA ALA A 13 9.56 -2.49 9.96
C ALA A 13 9.41 -1.09 10.63
N GLY A 14 8.38 -0.91 11.45
CA GLY A 14 8.23 0.34 12.18
C GLY A 14 6.82 0.68 12.60
N ASP A 15 6.68 1.83 13.28
CA ASP A 15 5.40 2.38 13.71
C ASP A 15 4.83 3.16 12.53
N ILE A 16 3.52 3.35 12.53
CA ILE A 16 2.84 4.14 11.51
C ILE A 16 2.53 5.50 12.16
N THR A 17 3.35 6.50 11.85
N THR A 17 3.34 6.50 11.84
CA THR A 17 3.19 7.85 12.40
CA THR A 17 3.24 7.82 12.45
C THR A 17 3.53 8.90 11.36
C THR A 17 3.61 8.91 11.44
N TRP A 18 2.92 10.07 11.48
CA TRP A 18 3.23 11.19 10.60
C TRP A 18 4.53 11.77 11.13
N GLU A 19 5.53 11.99 10.28
CA GLU A 19 6.79 12.55 10.72
C GLU A 19 6.94 14.02 10.33
N LYS A 20 7.11 14.89 11.32
CA LYS A 20 7.27 16.33 11.05
C LYS A 20 8.58 16.56 10.32
N ASP A 21 8.58 17.50 9.38
CA ASP A 21 9.77 17.82 8.59
C ASP A 21 10.30 16.61 7.82
N ALA A 22 9.40 15.84 7.21
CA ALA A 22 9.80 14.74 6.34
C ALA A 22 10.18 15.35 4.99
N GLU A 23 10.93 14.63 4.15
CA GLU A 23 11.32 15.14 2.83
C GLU A 23 10.03 15.31 1.96
N VAL A 24 9.87 16.46 1.30
CA VAL A 24 8.66 16.73 0.52
C VAL A 24 8.96 16.68 -0.98
N THR A 25 8.39 15.69 -1.72
CA THR A 25 8.63 15.57 -3.15
C THR A 25 7.39 14.99 -3.93
N GLY A 26 7.49 14.87 -5.25
CA GLY A 26 6.42 14.31 -6.06
C GLY A 26 5.45 15.35 -6.56
N ASN A 27 4.99 15.19 -7.81
CA ASN A 27 4.01 16.09 -8.37
C ASN A 27 2.56 15.56 -8.14
N SER A 28 1.54 16.25 -8.67
CA SER A 28 0.12 15.90 -8.49
C SER A 28 -0.62 15.84 -9.84
N PRO A 29 -0.33 14.84 -10.68
CA PRO A 29 -0.99 14.78 -11.99
C PRO A 29 -2.47 14.38 -11.91
N ARG A 30 -3.30 14.96 -12.78
CA ARG A 30 -4.73 14.64 -12.88
C ARG A 30 -4.88 13.81 -14.16
N LEU A 31 -5.22 12.53 -14.01
CA LEU A 31 -5.24 11.60 -15.14
C LEU A 31 -6.56 10.89 -15.33
N ASP A 32 -6.97 10.66 -16.59
CA ASP A 32 -8.16 9.88 -16.88
C ASP A 32 -7.70 8.43 -16.96
N VAL A 33 -8.20 7.55 -16.07
CA VAL A 33 -7.78 6.15 -16.06
C VAL A 33 -8.97 5.16 -16.09
N ALA A 34 -8.68 3.91 -16.47
CA ALA A 34 -9.65 2.81 -16.51
C ALA A 34 -9.11 1.65 -15.63
N LEU A 35 -9.99 0.95 -14.94
CA LEU A 35 -9.59 -0.17 -14.08
C LEU A 35 -10.29 -1.42 -14.63
N ASP A 36 -9.50 -2.40 -15.13
CA ASP A 36 -10.07 -3.60 -15.69
C ASP A 36 -10.41 -4.64 -14.58
N GLU A 37 -11.06 -5.73 -14.98
CA GLU A 37 -11.46 -6.81 -14.07
C GLU A 37 -10.28 -7.45 -13.35
N SER A 38 -9.08 -7.43 -13.96
CA SER A 38 -7.88 -7.97 -13.32
C SER A 38 -7.17 -7.04 -12.32
N GLY A 39 -7.74 -5.86 -12.05
CA GLY A 39 -7.13 -4.91 -11.12
C GLY A 39 -5.98 -4.10 -11.71
N ASP A 40 -5.92 -4.02 -13.05
CA ASP A 40 -4.89 -3.24 -13.73
C ASP A 40 -5.44 -1.91 -14.20
N PHE A 41 -4.73 -0.84 -13.84
CA PHE A 41 -5.09 0.50 -14.26
C PHE A 41 -4.45 0.77 -15.61
N SER A 42 -5.14 1.53 -16.48
CA SER A 42 -4.57 1.97 -17.75
C SER A 42 -4.99 3.42 -18.06
N LEU A 43 -4.21 4.13 -18.90
CA LEU A 43 -4.52 5.50 -19.27
C LEU A 43 -5.64 5.53 -20.29
N VAL A 44 -6.60 6.43 -20.12
CA VAL A 44 -7.67 6.60 -21.11
C VAL A 44 -7.30 7.80 -22.00
N GLU A 45 -7.15 7.56 -23.30
CA GLU A 45 -6.82 8.64 -24.23
C GLU A 45 -7.86 8.71 -25.35
N GLY B 7 2.57 -15.28 16.77
CA GLY B 7 3.75 -14.46 16.56
C GLY B 7 3.54 -13.00 16.92
N GLU B 8 4.27 -12.08 16.25
CA GLU B 8 4.12 -10.67 16.54
C GLU B 8 2.84 -10.08 15.96
N THR B 9 1.96 -9.63 16.83
N THR B 9 1.96 -9.63 16.83
CA THR B 9 0.69 -9.03 16.44
CA THR B 9 0.69 -9.03 16.43
C THR B 9 0.64 -7.52 16.70
C THR B 9 0.64 -7.52 16.68
N THR B 10 1.78 -6.89 17.07
CA THR B 10 1.86 -5.47 17.36
C THR B 10 1.47 -4.66 16.15
N ASP B 11 0.66 -3.59 16.33
CA ASP B 11 0.28 -2.68 15.26
C ASP B 11 1.56 -2.08 14.61
N GLY B 12 1.48 -1.75 13.32
CA GLY B 12 2.61 -1.17 12.63
C GLY B 12 2.77 -1.64 11.20
N VAL B 13 3.88 -1.25 10.58
CA VAL B 13 4.19 -1.59 9.21
C VAL B 13 5.14 -2.77 9.18
N TYR B 14 4.91 -3.72 8.26
CA TYR B 14 5.70 -4.94 8.18
C TYR B 14 6.14 -5.24 6.79
N ARG B 15 7.30 -5.87 6.65
CA ARG B 15 7.77 -6.36 5.36
C ARG B 15 7.19 -7.76 5.15
N VAL B 16 6.86 -8.10 3.91
CA VAL B 16 6.40 -9.41 3.51
C VAL B 16 7.55 -10.04 2.74
N MET B 17 8.19 -11.05 3.34
CA MET B 17 9.36 -11.71 2.80
C MET B 17 9.07 -13.13 2.28
N THR B 18 9.99 -13.68 1.48
CA THR B 18 9.93 -15.06 1.01
C THR B 18 11.32 -15.63 0.83
N ARG B 19 11.49 -16.91 1.16
CA ARG B 19 12.76 -17.59 0.95
C ARG B 19 12.73 -18.60 -0.23
N ARG B 20 11.65 -18.57 -1.04
CA ARG B 20 11.46 -19.45 -2.18
C ARG B 20 12.45 -19.14 -3.31
N LEU B 21 12.79 -17.85 -3.47
CA LEU B 21 13.74 -17.39 -4.50
C LEU B 21 15.19 -17.38 -3.93
N LEU B 22 16.14 -16.69 -4.59
CA LEU B 22 17.52 -16.60 -4.11
C LEU B 22 17.54 -15.74 -2.84
N GLY B 23 18.16 -16.25 -1.78
CA GLY B 23 18.24 -15.58 -0.48
C GLY B 23 16.89 -15.28 0.13
N SER B 24 16.79 -14.17 0.88
CA SER B 24 15.51 -13.75 1.45
C SER B 24 15.11 -12.51 0.64
N THR B 25 13.94 -12.56 -0.01
CA THR B 25 13.48 -11.51 -0.90
C THR B 25 12.22 -10.83 -0.38
N GLN B 26 12.20 -9.49 -0.43
CA GLN B 26 11.03 -8.74 -0.01
C GLN B 26 10.04 -8.63 -1.17
N VAL B 27 8.87 -9.27 -1.06
CA VAL B 27 7.86 -9.19 -2.11
C VAL B 27 6.87 -8.05 -1.90
N GLY B 28 6.82 -7.50 -0.69
CA GLY B 28 5.90 -6.40 -0.40
C GLY B 28 5.91 -5.97 1.04
N VAL B 29 4.88 -5.22 1.41
CA VAL B 29 4.69 -4.57 2.71
C VAL B 29 3.21 -4.64 3.14
N GLY B 30 2.96 -4.50 4.44
CA GLY B 30 1.59 -4.47 4.94
C GLY B 30 1.42 -3.75 6.26
N VAL B 31 0.17 -3.60 6.69
CA VAL B 31 -0.20 -2.86 7.89
C VAL B 31 -0.93 -3.76 8.87
N MET B 32 -0.44 -3.87 10.11
CA MET B 32 -1.12 -4.64 11.13
C MET B 32 -1.90 -3.61 11.95
N GLN B 33 -3.22 -3.76 12.02
CA GLN B 33 -4.07 -2.85 12.78
C GLN B 33 -5.27 -3.61 13.32
N GLU B 34 -5.56 -3.45 14.62
CA GLU B 34 -6.68 -4.11 15.31
C GLU B 34 -6.67 -5.64 15.13
N GLY B 35 -5.48 -6.24 15.12
CA GLY B 35 -5.33 -7.68 14.97
C GLY B 35 -5.39 -8.22 13.55
N VAL B 36 -5.61 -7.32 12.55
CA VAL B 36 -5.71 -7.73 11.16
C VAL B 36 -4.52 -7.22 10.33
N PHE B 37 -3.97 -8.08 9.46
CA PHE B 37 -2.89 -7.71 8.55
C PHE B 37 -3.48 -7.35 7.18
N HIS B 38 -3.13 -6.18 6.68
CA HIS B 38 -3.67 -5.66 5.43
C HIS B 38 -2.56 -5.48 4.41
N THR B 39 -2.75 -6.03 3.19
CA THR B 39 -1.73 -5.84 2.14
C THR B 39 -2.44 -5.75 0.76
N MET B 40 -1.66 -5.65 -0.33
CA MET B 40 -2.22 -5.67 -1.67
C MET B 40 -2.24 -7.13 -2.16
N TRP B 41 -3.27 -7.48 -2.93
CA TRP B 41 -3.44 -8.84 -3.42
CA TRP B 41 -3.43 -8.84 -3.43
C TRP B 41 -2.24 -9.31 -4.25
N HIS B 42 -1.72 -8.47 -5.15
CA HIS B 42 -0.58 -8.88 -5.98
C HIS B 42 0.70 -9.20 -5.18
N VAL B 43 0.77 -8.81 -3.89
CA VAL B 43 1.94 -9.14 -3.06
C VAL B 43 1.92 -10.63 -2.66
N THR B 44 0.77 -11.13 -2.15
CA THR B 44 0.69 -12.52 -1.65
C THR B 44 -0.05 -13.50 -2.56
N LYS B 45 -0.83 -12.98 -3.51
CA LYS B 45 -1.75 -13.77 -4.35
C LYS B 45 -2.76 -14.58 -3.48
N GLY B 46 -3.02 -14.13 -2.26
CA GLY B 46 -3.95 -14.78 -1.34
C GLY B 46 -3.36 -15.93 -0.55
N ALA B 47 -2.03 -16.15 -0.63
CA ALA B 47 -1.40 -17.24 0.13
C ALA B 47 -1.37 -16.97 1.64
N ALA B 48 -1.28 -18.04 2.44
CA ALA B 48 -1.16 -17.90 3.90
C ALA B 48 0.18 -17.25 4.28
N LEU B 49 0.23 -16.62 5.45
CA LEU B 49 1.47 -15.98 5.91
C LEU B 49 1.96 -16.55 7.24
N ARG B 50 3.24 -16.39 7.52
CA ARG B 50 3.83 -16.85 8.76
C ARG B 50 4.29 -15.62 9.56
N SER B 51 4.07 -15.63 10.87
CA SER B 51 4.55 -14.56 11.74
C SER B 51 5.26 -15.28 12.88
N GLY B 52 6.57 -15.47 12.75
CA GLY B 52 7.36 -16.23 13.71
C GLY B 52 6.96 -17.68 13.65
N GLU B 53 6.33 -18.17 14.72
CA GLU B 53 5.83 -19.55 14.75
C GLU B 53 4.29 -19.66 14.48
N GLY B 54 3.61 -18.51 14.34
CA GLY B 54 2.17 -18.46 14.09
C GLY B 54 1.82 -18.35 12.61
N ARG B 55 0.57 -18.66 12.27
CA ARG B 55 0.09 -18.62 10.90
C ARG B 55 -1.05 -17.60 10.77
N LEU B 56 -1.05 -16.83 9.68
CA LEU B 56 -2.09 -15.85 9.36
C LEU B 56 -2.78 -16.38 8.12
N ASP B 57 -4.09 -16.56 8.20
CA ASP B 57 -4.86 -17.06 7.08
C ASP B 57 -5.61 -15.90 6.42
N PRO B 58 -5.76 -15.91 5.08
CA PRO B 58 -6.55 -14.86 4.43
C PRO B 58 -8.01 -14.92 4.92
N TYR B 59 -8.65 -13.76 5.02
CA TYR B 59 -10.00 -13.66 5.52
C TYR B 59 -10.89 -13.03 4.45
N TRP B 60 -10.39 -11.99 3.78
CA TRP B 60 -11.11 -11.31 2.72
C TRP B 60 -10.09 -10.91 1.64
N GLY B 61 -10.52 -10.91 0.38
CA GLY B 61 -9.66 -10.50 -0.71
C GLY B 61 -10.44 -10.18 -1.96
N ASP B 62 -9.90 -9.32 -2.83
CA ASP B 62 -10.54 -8.93 -4.08
C ASP B 62 -9.46 -8.50 -5.09
N VAL B 63 -9.32 -9.25 -6.19
CA VAL B 63 -8.33 -8.99 -7.22
C VAL B 63 -8.52 -7.60 -7.89
N LYS B 64 -9.78 -7.18 -8.11
CA LYS B 64 -10.05 -5.91 -8.79
C LYS B 64 -9.66 -4.70 -7.94
N GLN B 65 -9.99 -4.73 -6.64
CA GLN B 65 -9.56 -3.70 -5.69
C GLN B 65 -8.03 -3.84 -5.41
N ASP B 66 -7.47 -5.05 -5.59
CA ASP B 66 -6.08 -5.46 -5.38
C ASP B 66 -5.77 -5.35 -3.90
N LEU B 67 -6.65 -5.86 -3.03
CA LEU B 67 -6.45 -5.83 -1.57
C LEU B 67 -6.78 -7.21 -0.94
N VAL B 68 -6.16 -7.46 0.22
CA VAL B 68 -6.40 -8.69 0.98
C VAL B 68 -6.19 -8.39 2.47
N SER B 69 -7.01 -8.98 3.35
CA SER B 69 -6.87 -8.89 4.79
C SER B 69 -6.70 -10.31 5.38
N TYR B 70 -5.96 -10.41 6.48
CA TYR B 70 -5.65 -11.66 7.19
C TYR B 70 -6.12 -11.55 8.64
N CYS B 71 -6.66 -12.69 9.18
CA CYS B 71 -7.17 -12.85 10.56
C CYS B 71 -8.48 -12.14 10.86
N GLY B 72 -8.97 -11.33 9.94
CA GLY B 72 -10.19 -10.59 10.16
C GLY B 72 -10.54 -9.68 9.00
N PRO B 73 -11.68 -9.01 9.10
CA PRO B 73 -12.11 -8.16 7.99
C PRO B 73 -11.28 -6.89 7.86
N TRP B 74 -11.34 -6.23 6.69
CA TRP B 74 -10.61 -4.99 6.43
C TRP B 74 -10.97 -3.92 7.48
N LYS B 75 -9.97 -3.35 8.18
CA LYS B 75 -10.21 -2.38 9.27
C LYS B 75 -9.94 -0.92 8.90
N LEU B 76 -9.14 -0.68 7.86
CA LEU B 76 -8.72 0.68 7.48
C LEU B 76 -9.82 1.45 6.77
N ASP B 77 -10.32 2.54 7.38
CA ASP B 77 -11.41 3.30 6.77
C ASP B 77 -11.15 4.80 6.54
N ALA B 78 -9.98 5.34 6.93
CA ALA B 78 -9.72 6.76 6.68
C ALA B 78 -9.57 7.06 5.19
N ALA B 79 -9.96 8.27 4.80
CA ALA B 79 -9.94 8.68 3.42
C ALA B 79 -9.14 9.98 3.25
N TRP B 80 -8.48 10.14 2.08
CA TRP B 80 -7.78 11.41 1.76
C TRP B 80 -8.85 12.50 1.67
N ASP B 81 -8.61 13.65 2.32
CA ASP B 81 -9.58 14.73 2.32
C ASP B 81 -9.72 15.47 0.97
N GLY B 82 -8.85 15.17 0.00
CA GLY B 82 -8.87 15.79 -1.31
C GLY B 82 -8.19 17.14 -1.40
N LEU B 83 -7.59 17.61 -0.31
CA LEU B 83 -6.95 18.93 -0.26
C LEU B 83 -5.53 18.93 0.31
N SER B 84 -5.29 18.15 1.37
CA SER B 84 -4.03 18.16 2.12
C SER B 84 -2.93 17.26 1.59
N GLU B 85 -1.69 17.57 1.99
CA GLU B 85 -0.56 16.72 1.71
C GLU B 85 -0.69 15.45 2.58
N VAL B 86 -0.10 14.38 2.13
CA VAL B 86 -0.12 13.09 2.82
C VAL B 86 1.32 12.59 2.95
N GLN B 87 1.55 11.43 3.63
CA GLN B 87 2.86 10.86 3.69
C GLN B 87 2.84 9.40 3.27
N LEU B 88 3.73 9.02 2.36
CA LEU B 88 3.95 7.64 2.02
C LEU B 88 4.99 7.14 3.02
N LEU B 89 4.66 6.11 3.79
CA LEU B 89 5.63 5.51 4.71
C LEU B 89 6.22 4.35 3.93
N ALA B 90 7.19 4.70 3.09
CA ALA B 90 7.84 3.75 2.20
C ALA B 90 8.74 2.78 2.95
N VAL B 91 8.59 1.48 2.66
CA VAL B 91 9.45 0.46 3.26
C VAL B 91 10.13 -0.29 2.08
N PRO B 92 11.21 0.28 1.50
CA PRO B 92 11.86 -0.35 0.35
C PRO B 92 12.66 -1.59 0.74
N PRO B 93 12.82 -2.55 -0.18
CA PRO B 93 13.64 -3.74 0.12
C PRO B 93 15.07 -3.41 0.56
N GLY B 94 15.53 -4.08 1.62
CA GLY B 94 16.86 -3.89 2.19
C GLY B 94 17.14 -2.51 2.78
N GLU B 95 16.12 -1.65 2.85
CA GLU B 95 16.31 -0.29 3.36
C GLU B 95 15.34 0.05 4.49
N ARG B 96 15.73 1.01 5.34
CA ARG B 96 14.93 1.44 6.49
C ARG B 96 13.64 2.14 6.07
N ALA B 97 12.57 2.01 6.88
CA ALA B 97 11.29 2.68 6.63
C ALA B 97 11.51 4.21 6.65
N LYS B 98 10.91 4.93 5.70
CA LYS B 98 11.09 6.37 5.60
C LYS B 98 9.78 7.05 5.14
N ASN B 99 9.46 8.23 5.71
CA ASN B 99 8.25 8.98 5.35
C ASN B 99 8.53 10.01 4.27
N ILE B 100 7.70 10.03 3.21
CA ILE B 100 7.83 11.01 2.13
C ILE B 100 6.56 11.79 2.05
N GLN B 101 6.64 13.12 2.17
CA GLN B 101 5.46 13.96 2.10
C GLN B 101 5.18 14.39 0.67
N THR B 102 3.91 14.39 0.27
CA THR B 102 3.54 14.77 -1.10
C THR B 102 2.10 15.25 -1.18
N LEU B 103 1.76 16.00 -2.23
CA LEU B 103 0.38 16.40 -2.45
C LEU B 103 -0.11 15.47 -3.55
N PRO B 104 -1.11 14.62 -3.24
CA PRO B 104 -1.55 13.65 -4.24
C PRO B 104 -2.18 14.30 -5.47
N GLY B 105 -2.04 13.60 -6.59
CA GLY B 105 -2.76 13.92 -7.81
C GLY B 105 -4.12 13.19 -7.77
N ILE B 106 -4.83 13.12 -8.92
CA ILE B 106 -6.14 12.45 -9.00
C ILE B 106 -6.19 11.41 -10.15
N PHE B 107 -6.76 10.23 -9.89
CA PHE B 107 -7.09 9.24 -10.92
C PHE B 107 -8.59 9.45 -11.15
N LYS B 108 -8.98 9.90 -12.35
CA LYS B 108 -10.38 10.12 -12.71
C LYS B 108 -10.90 8.86 -13.41
N THR B 109 -11.90 8.19 -12.84
CA THR B 109 -12.45 6.99 -13.49
C THR B 109 -13.95 7.21 -13.83
N LYS B 110 -14.53 6.28 -14.62
CA LYS B 110 -15.96 6.35 -14.92
C LYS B 110 -16.82 6.12 -13.64
N ASP B 111 -16.23 5.54 -12.58
CA ASP B 111 -16.90 5.27 -11.31
C ASP B 111 -16.45 6.20 -10.17
N GLY B 112 -15.91 7.37 -10.49
CA GLY B 112 -15.47 8.31 -9.47
C GLY B 112 -13.98 8.60 -9.43
N ASP B 113 -13.59 9.58 -8.60
CA ASP B 113 -12.20 10.01 -8.47
C ASP B 113 -11.49 9.37 -7.27
N ILE B 114 -10.22 9.05 -7.46
CA ILE B 114 -9.36 8.41 -6.47
C ILE B 114 -8.07 9.27 -6.33
N GLY B 115 -7.51 9.38 -5.13
CA GLY B 115 -6.24 10.07 -4.93
C GLY B 115 -5.11 9.22 -5.52
N ALA B 116 -4.00 9.85 -5.90
CA ALA B 116 -2.88 9.14 -6.50
C ALA B 116 -1.54 9.77 -6.05
N VAL B 117 -0.50 8.97 -5.81
CA VAL B 117 0.79 9.52 -5.39
CA VAL B 117 0.80 9.45 -5.35
C VAL B 117 1.85 9.25 -6.46
N ALA B 118 2.49 10.35 -6.95
CA ALA B 118 3.49 10.24 -7.99
C ALA B 118 4.88 10.04 -7.40
N LEU B 119 5.11 8.84 -6.86
CA LEU B 119 6.39 8.49 -6.23
C LEU B 119 6.74 7.09 -6.73
N ASP B 120 7.99 6.91 -7.16
CA ASP B 120 8.43 5.63 -7.71
C ASP B 120 9.41 4.91 -6.79
N TYR B 121 9.04 3.69 -6.38
CA TYR B 121 9.85 2.82 -5.51
C TYR B 121 9.89 1.39 -6.09
N PRO B 122 10.85 0.51 -5.69
CA PRO B 122 10.85 -0.86 -6.26
C PRO B 122 9.52 -1.61 -6.04
N ALA B 123 9.22 -2.59 -6.91
CA ALA B 123 7.98 -3.38 -6.80
C ALA B 123 7.72 -3.96 -5.39
N GLY B 124 8.79 -4.36 -4.70
CA GLY B 124 8.71 -4.90 -3.34
C GLY B 124 8.27 -3.92 -2.26
N THR B 125 8.10 -2.64 -2.63
CA THR B 125 7.58 -1.60 -1.72
C THR B 125 6.01 -1.63 -1.71
N SER B 126 5.35 -2.38 -2.64
CA SER B 126 3.89 -2.47 -2.72
C SER B 126 3.28 -2.86 -1.37
N GLY B 127 2.24 -2.16 -0.95
CA GLY B 127 1.61 -2.41 0.34
C GLY B 127 1.99 -1.39 1.39
N SER B 128 3.03 -0.53 1.12
CA SER B 128 3.43 0.51 2.07
C SER B 128 2.23 1.46 2.29
N PRO B 129 1.95 1.83 3.54
CA PRO B 129 0.81 2.71 3.80
C PRO B 129 1.02 4.19 3.47
N ILE B 130 -0.09 4.83 3.09
CA ILE B 130 -0.19 6.27 2.84
C ILE B 130 -1.03 6.84 4.02
N LEU B 131 -0.51 7.89 4.69
CA LEU B 131 -1.10 8.44 5.92
C LEU B 131 -1.57 9.88 5.87
N ASP B 132 -2.56 10.21 6.71
CA ASP B 132 -3.00 11.60 6.87
C ASP B 132 -2.27 12.26 8.08
N LYS B 133 -2.52 13.55 8.37
CA LYS B 133 -1.84 14.26 9.47
C LYS B 133 -2.13 13.69 10.86
N CYS B 134 -3.17 12.86 11.00
CA CYS B 134 -3.47 12.19 12.26
C CYS B 134 -2.78 10.81 12.39
N GLY B 135 -1.98 10.42 11.40
CA GLY B 135 -1.33 9.11 11.39
C GLY B 135 -2.25 7.98 10.91
N ARG B 136 -3.45 8.30 10.42
CA ARG B 136 -4.39 7.27 9.96
C ARG B 136 -4.05 6.79 8.55
N VAL B 137 -4.16 5.49 8.32
CA VAL B 137 -3.87 4.90 7.01
C VAL B 137 -5.06 5.16 6.07
N ILE B 138 -4.85 5.99 5.06
CA ILE B 138 -5.88 6.32 4.07
C ILE B 138 -5.80 5.45 2.80
N GLY B 139 -4.85 4.52 2.74
CA GLY B 139 -4.71 3.62 1.61
C GLY B 139 -3.34 2.99 1.55
N LEU B 140 -3.16 2.06 0.59
CA LEU B 140 -1.89 1.37 0.37
C LEU B 140 -1.33 1.72 -1.01
N TYR B 141 0.00 1.74 -1.11
CA TYR B 141 0.75 2.12 -2.30
C TYR B 141 1.12 0.90 -3.11
N GLY B 142 1.10 1.01 -4.44
CA GLY B 142 1.58 -0.09 -5.27
C GLY B 142 0.74 -0.59 -6.41
N ASN B 143 -0.46 -0.02 -6.64
CA ASN B 143 -1.25 -0.39 -7.81
C ASN B 143 -1.47 0.91 -8.60
N GLY B 144 -0.81 1.01 -9.74
CA GLY B 144 -0.86 2.23 -10.53
C GLY B 144 -0.63 2.12 -12.01
N VAL B 145 -0.11 3.20 -12.60
CA VAL B 145 0.07 3.30 -14.04
C VAL B 145 1.34 4.07 -14.42
N VAL B 146 1.82 3.85 -15.65
CA VAL B 146 2.97 4.56 -16.22
C VAL B 146 2.37 5.59 -17.16
N ILE B 147 2.62 6.89 -16.92
CA ILE B 147 2.01 7.95 -17.71
C ILE B 147 2.88 8.34 -18.93
N LYS B 148 2.41 9.31 -19.78
CA LYS B 148 3.11 9.79 -20.98
C LYS B 148 4.60 10.01 -20.80
N ASN B 149 5.02 10.65 -19.69
CA ASN B 149 6.43 10.94 -19.38
C ASN B 149 7.29 9.67 -19.21
N GLY B 150 6.65 8.59 -18.78
CA GLY B 150 7.32 7.35 -18.43
C GLY B 150 7.41 7.16 -16.92
N SER B 151 6.96 8.17 -16.14
CA SER B 151 6.99 8.11 -14.67
CA SER B 151 7.00 8.11 -14.67
C SER B 151 5.86 7.23 -14.13
N TYR B 152 6.00 6.77 -12.88
CA TYR B 152 5.03 5.91 -12.22
C TYR B 152 4.13 6.68 -11.24
N VAL B 153 2.81 6.43 -11.30
CA VAL B 153 1.85 7.05 -10.40
C VAL B 153 0.97 5.95 -9.77
N SER B 154 0.96 5.85 -8.43
CA SER B 154 0.17 4.82 -7.75
C SER B 154 -1.15 5.37 -7.27
N ALA B 155 -2.24 4.58 -7.31
CA ALA B 155 -3.49 5.02 -6.70
C ALA B 155 -3.29 4.98 -5.16
N ILE B 156 -4.10 5.74 -4.45
CA ILE B 156 -4.17 5.63 -3.00
C ILE B 156 -5.31 4.58 -2.85
N THR B 157 -4.95 3.29 -2.71
CA THR B 157 -5.97 2.22 -2.67
C THR B 157 -6.48 1.95 -1.29
N GLN B 158 -7.77 2.18 -1.05
CA GLN B 158 -8.39 1.93 0.25
C GLN B 158 -9.56 0.91 0.15
N GLY B 159 -9.70 0.05 1.15
CA GLY B 159 -10.80 -0.92 1.20
C GLY B 159 -12.01 -0.35 1.92
N LYS B 160 -12.99 -1.20 2.20
CA LYS B 160 -14.20 -0.78 2.89
C LYS B 160 -14.25 -1.46 4.26
N ARG B 161 -14.57 -0.71 5.32
CA ARG B 161 -14.71 -1.31 6.64
C ARG B 161 -16.19 -1.66 6.81
N GLU B 162 -16.53 -2.97 6.84
CA GLU B 162 -17.91 -3.45 6.97
C GLU B 162 -18.56 -2.97 8.27
S DMS C . -2.62 -19.54 -3.38
O DMS C . -3.49 -18.72 -2.54
C1 DMS C . -1.43 -20.25 -2.29
C2 DMS C . -1.50 -18.45 -4.19
N1 A1BGH D . 5.70 -1.83 -9.97
C4 A1BGH D . 7.15 0.18 -9.86
C5 A1BGH D . 8.55 -0.43 -9.80
C6 A1BGH D . 9.61 0.50 -10.42
C7 A1BGH D . 9.20 0.90 -11.83
C8 A1BGH D . 6.82 0.55 -11.32
F2 A1BGH D . 4.90 -4.68 -9.71
C9 A1BGH D . 4.06 -3.67 -9.54
F A1BGH D . 3.43 -3.58 -10.68
F1 A1BGH D . 3.19 -4.05 -8.64
C2 A1BGH D . 4.76 -2.40 -9.15
C1 A1BGH D . 4.61 -1.65 -8.01
C3 A1BGH D . 6.11 -0.76 -9.33
N A1BGH D . 5.49 -0.61 -8.14
C A1BGH D . 5.71 0.42 -7.13
N2 A1BGH D . 7.83 1.48 -11.84
#